data_8QTD
#
_entry.id   8QTD
#
_cell.length_a   1.00
_cell.length_b   1.00
_cell.length_c   1.00
_cell.angle_alpha   90.00
_cell.angle_beta   90.00
_cell.angle_gamma   90.00
#
_symmetry.space_group_name_H-M   'P 1'
#
loop_
_entity.id
_entity.type
_entity.pdbx_description
1 polymer 'Spike glycoprotein,Fibritin'
2 polymer 'XBB-7 fab heavy chain'
3 polymer 'XBB-7 fab light chain'
#
loop_
_entity_poly.entity_id
_entity_poly.type
_entity_poly.pdbx_seq_one_letter_code
_entity_poly.pdbx_strand_id
1 'polypeptide(L)'
;MFVFLVLLPLVSSQCVMPLFNLITTTQSYTNSFTRGVYYPDKVFRSSVLHLTQDLFLPFFSNVTWFHAISGTNGTKRFDN
PVLPFNDGVYFASTEKSNIIRGWIFGTTLDSKTQSLLIVNNATNVFIKVCEFQFCNDPFLDVYHKNNKSWMESESGVYSS
ANNCTFEYVSQPFLMDLEGKQGNFKNLREFVFKNIDGYFKIYSKHTPIIGRDFPQGFSALEPLVDLPIGINITRFQTLLA
LNRSYLTPGDSSSGWTAGAADYYVGYLQPRTFLLKYNENGTITDAVDCALDPLSETKCTLKSFTVEKGIYQTSNFRVQPT
ESIVRFPNVTNLCPFHEVFNATRFASVYAWNRTRISNCVADYSVLYNFAPFFAFKCYGVSPTKLNDLCFTNVYADSFVIK
GNEVSQIAPGQTGNIADYNYKLPDDFTGCVIAWNSNKLDSKHSGNYDYWYRLFRKSKLKPFERDISTEIYQAGNKPCKGK
GPNCYFPLQSYGFRPTYGVGHQPYRVVVLSFELLHAPATVCGPKKSTNLVKNKCVNFNFNGLTGTGVLTKSNKKFLPFQQ
FGRDIVDTTDAVRDPQTLEILDITPCSFGGVSVITPGTNTSNQVAVLYQGVNCTEVSVAIHADQLTPTWRVYSTGSNVFQ
TRAGCLIGAEYVNNSYECDIPIGAGVCASYQTQTKSHGSASSVASQSIIAYTMSLGAENSVAYSNNSIAIPTNFTISVTT
EILPVSMTKTSVDCTMYICGDSTECSNLLLQYGSFCTQLKRALTGIAVEQDKNTQEVFAQVKQIYKTPPIKYFGGFNFSQ
ILPDPSKPSKRSFIEDLLFNKVTLADAGFIKQYGDCLGDIAARDLICAQKFNGLTVLPPLLTDEMIAQYTSALLAGTITS
GWTFGAGAALQIPFAMQMAYRFNGIGVTQNVLYENQKLIANQFNSAIGKIQDSLFSTASALGKLQDVVNHNAQALNTLVK
QLSSKFGAISSVLNDILSRLDPPEAEVQIDRLITGRLQSLQTYVTQQLIRAAEIRASANLAATKMSECVLGQSKRVDFCG
KGYHLMSFPQSAPHGVVFLHVTYVPAQEKNFTTAPAICHDGKAHFPREGVFVSNGTHWFVTQRNFYEPQIITTDNTFVSG
NCDVVIGIVNNTVYDPLQLELDSFKEELDKYFKNHTSPDVDLGDISGINASVVNIQKEIDRLNEVAKNLNESLIDLQELG
KYEQGSGYIPEAPRDGQAYVRKDGEWVLLSTFLGRSLEVLFQGPGHHHHHHHHGSAWSHPQFEKGGGSGGGSGGSAWSHP
QFEK
;
A
2 'polypeptide(L)'
;QVQLVESGGGLVQPGGSLRLSCAASGFIFRSFSMSWVRQAPGKGLEWVANINEDGGEKYYVDSVKGRFTISRDYAKDSVF
LQMNSLRAEDTAVYYCARVGPYYYDSAGYYRRHYHFGMDVWGQGTTVTVSS
;
H
3 'polypeptide(L)'
;QSALTQPASVSGSPGQSITISCTGTSSDIGDYNYVSWYQQHPGKAPKLMILSNRFSGSKSGNTASLTISGLQAEDEADYY
CSSYTGSVTVFGGGTKLTVL
;
L
#
# COMPACT_ATOMS: atom_id res chain seq x y z
N VAL A 329 -38.34 -5.21 -29.80
CA VAL A 329 -37.42 -4.68 -28.80
C VAL A 329 -37.37 -3.16 -28.91
N THR A 330 -37.89 -2.47 -27.88
CA THR A 330 -37.98 -1.02 -27.90
C THR A 330 -37.30 -0.34 -26.72
N ASN A 331 -37.06 -1.05 -25.62
CA ASN A 331 -36.45 -0.46 -24.43
C ASN A 331 -35.19 -1.24 -24.09
N LEU A 332 -34.07 -0.86 -24.71
CA LEU A 332 -32.78 -1.45 -24.39
C LEU A 332 -32.33 -0.97 -23.02
N CYS A 333 -31.68 -1.85 -22.28
CA CYS A 333 -31.20 -1.50 -20.95
C CYS A 333 -30.09 -0.46 -21.06
N PRO A 334 -30.11 0.60 -20.25
CA PRO A 334 -29.14 1.68 -20.42
C PRO A 334 -27.74 1.31 -20.00
N PHE A 335 -27.07 0.48 -20.80
CA PHE A 335 -25.66 0.19 -20.61
C PHE A 335 -24.76 1.22 -21.26
N HIS A 336 -25.32 2.17 -22.01
CA HIS A 336 -24.51 3.21 -22.64
C HIS A 336 -23.97 4.22 -21.64
N GLU A 337 -24.53 4.26 -20.43
CA GLU A 337 -24.06 5.19 -19.41
C GLU A 337 -23.08 4.55 -18.45
N VAL A 338 -23.27 3.27 -18.12
CA VAL A 338 -22.41 2.60 -17.16
C VAL A 338 -21.01 2.41 -17.73
N PHE A 339 -20.92 1.94 -18.98
CA PHE A 339 -19.63 1.64 -19.59
C PHE A 339 -19.06 2.80 -20.40
N ASN A 340 -19.74 3.95 -20.43
CA ASN A 340 -19.25 5.09 -21.19
C ASN A 340 -19.45 6.40 -20.43
N ALA A 341 -19.40 6.35 -19.10
CA ALA A 341 -19.54 7.55 -18.30
C ALA A 341 -18.33 8.46 -18.47
N THR A 342 -18.54 9.76 -18.25
CA THR A 342 -17.44 10.72 -18.37
C THR A 342 -16.35 10.45 -17.33
N ARG A 343 -16.74 10.14 -16.11
CA ARG A 343 -15.78 9.77 -15.07
C ARG A 343 -16.45 8.85 -14.08
N PHE A 344 -15.67 7.96 -13.49
CA PHE A 344 -16.18 6.97 -12.56
C PHE A 344 -15.93 7.40 -11.12
N ALA A 345 -16.77 6.89 -10.22
CA ALA A 345 -16.64 7.22 -8.81
C ALA A 345 -15.45 6.48 -8.20
N SER A 346 -14.98 7.02 -7.07
CA SER A 346 -13.88 6.38 -6.35
C SER A 346 -14.32 5.02 -5.83
N VAL A 347 -13.32 4.17 -5.57
CA VAL A 347 -13.62 2.80 -5.17
C VAL A 347 -14.27 2.76 -3.79
N TYR A 348 -13.81 3.59 -2.86
CA TYR A 348 -14.40 3.60 -1.53
C TYR A 348 -15.84 4.11 -1.55
N ALA A 349 -16.20 4.93 -2.53
CA ALA A 349 -17.57 5.41 -2.69
C ALA A 349 -18.12 4.97 -4.04
N TRP A 350 -17.94 3.68 -4.37
CA TRP A 350 -18.32 3.14 -5.67
C TRP A 350 -19.77 3.46 -5.98
N ASN A 351 -20.06 3.71 -7.26
CA ASN A 351 -21.40 4.09 -7.67
C ASN A 351 -22.22 2.87 -8.00
N ARG A 352 -23.49 2.88 -7.60
CA ARG A 352 -24.41 1.78 -7.86
C ARG A 352 -25.57 2.28 -8.71
N THR A 353 -25.84 1.58 -9.81
CA THR A 353 -26.95 1.89 -10.70
C THR A 353 -27.84 0.66 -10.82
N ARG A 354 -29.15 0.88 -10.82
CA ARG A 354 -30.10 -0.22 -10.93
C ARG A 354 -30.65 -0.27 -12.34
N ILE A 355 -30.64 -1.46 -12.94
CA ILE A 355 -31.12 -1.70 -14.29
C ILE A 355 -32.29 -2.66 -14.18
N SER A 356 -33.46 -2.23 -14.64
CA SER A 356 -34.67 -3.03 -14.57
C SER A 356 -35.67 -2.50 -15.58
N ASN A 357 -36.71 -3.29 -15.83
CA ASN A 357 -37.79 -2.94 -16.76
C ASN A 357 -37.24 -2.58 -18.14
N CYS A 358 -36.35 -3.44 -18.65
CA CYS A 358 -35.74 -3.21 -19.95
C CYS A 358 -35.25 -4.54 -20.51
N VAL A 359 -34.97 -4.54 -21.80
CA VAL A 359 -34.42 -5.70 -22.48
C VAL A 359 -32.90 -5.56 -22.48
N ALA A 360 -32.21 -6.55 -21.94
CA ALA A 360 -30.77 -6.52 -21.80
C ALA A 360 -30.12 -7.23 -22.99
N ASP A 361 -29.25 -6.53 -23.69
CA ASP A 361 -28.51 -7.08 -24.83
C ASP A 361 -27.02 -6.95 -24.52
N TYR A 362 -26.45 -8.01 -23.95
CA TYR A 362 -25.05 -7.98 -23.56
C TYR A 362 -24.09 -8.09 -24.74
N SER A 363 -24.60 -8.47 -25.92
CA SER A 363 -23.74 -8.63 -27.09
C SER A 363 -23.04 -7.33 -27.48
N VAL A 364 -23.60 -6.18 -27.13
CA VAL A 364 -22.98 -4.91 -27.45
C VAL A 364 -21.89 -4.52 -26.46
N LEU A 365 -21.78 -5.26 -25.34
CA LEU A 365 -20.81 -4.90 -24.31
C LEU A 365 -19.39 -4.91 -24.86
N TYR A 366 -19.05 -5.91 -25.68
CA TYR A 366 -17.72 -5.97 -26.25
C TYR A 366 -17.43 -4.77 -27.15
N ASN A 367 -18.46 -4.15 -27.71
CA ASN A 367 -18.28 -2.95 -28.51
C ASN A 367 -17.99 -1.72 -27.68
N PHE A 368 -18.30 -1.76 -26.37
CA PHE A 368 -18.08 -0.58 -25.52
C PHE A 368 -16.60 -0.30 -25.33
N ALA A 369 -15.81 -1.31 -25.03
CA ALA A 369 -14.40 -1.13 -24.73
C ALA A 369 -13.68 -2.46 -24.93
N PRO A 370 -12.36 -2.43 -25.13
CA PRO A 370 -11.60 -3.69 -25.22
C PRO A 370 -11.42 -4.35 -23.86
N PHE A 371 -12.41 -5.13 -23.44
CA PHE A 371 -12.42 -5.71 -22.10
C PHE A 371 -11.18 -6.56 -21.86
N PHE A 372 -10.57 -6.36 -20.69
CA PHE A 372 -9.35 -7.07 -20.31
C PHE A 372 -9.59 -8.21 -19.34
N ALA A 373 -10.46 -8.02 -18.36
CA ALA A 373 -10.67 -9.00 -17.29
C ALA A 373 -12.14 -9.37 -17.18
N PHE A 374 -12.78 -9.66 -18.31
CA PHE A 374 -14.15 -10.15 -18.29
C PHE A 374 -14.19 -11.47 -17.55
N LYS A 375 -15.14 -11.59 -16.61
CA LYS A 375 -15.21 -12.78 -15.77
C LYS A 375 -16.60 -12.84 -15.14
N CYS A 376 -17.31 -13.95 -15.34
CA CYS A 376 -18.63 -14.14 -14.78
C CYS A 376 -18.60 -15.28 -13.77
N TYR A 377 -19.37 -15.12 -12.69
CA TYR A 377 -19.45 -16.10 -11.62
C TYR A 377 -20.87 -16.62 -11.51
N GLY A 378 -21.02 -17.94 -11.52
CA GLY A 378 -22.33 -18.54 -11.38
C GLY A 378 -23.19 -18.50 -12.62
N VAL A 379 -22.66 -18.05 -13.76
CA VAL A 379 -23.42 -17.97 -14.99
C VAL A 379 -22.45 -17.98 -16.15
N SER A 380 -22.74 -18.79 -17.16
CA SER A 380 -21.92 -18.86 -18.35
C SER A 380 -22.12 -17.61 -19.19
N PRO A 381 -21.05 -16.88 -19.54
CA PRO A 381 -21.25 -15.64 -20.32
C PRO A 381 -21.95 -15.86 -21.65
N THR A 382 -21.64 -16.95 -22.34
CA THR A 382 -22.23 -17.21 -23.65
C THR A 382 -23.74 -17.38 -23.59
N LYS A 383 -24.30 -17.66 -22.42
CA LYS A 383 -25.74 -17.78 -22.24
C LYS A 383 -26.36 -16.56 -21.57
N LEU A 384 -25.63 -15.44 -21.50
CA LEU A 384 -26.16 -14.26 -20.82
C LEU A 384 -27.43 -13.74 -21.48
N ASN A 385 -27.57 -13.94 -22.79
CA ASN A 385 -28.78 -13.51 -23.49
C ASN A 385 -29.97 -14.44 -23.27
N ASP A 386 -29.73 -15.64 -22.72
CA ASP A 386 -30.78 -16.64 -22.56
C ASP A 386 -31.31 -16.74 -21.14
N LEU A 387 -31.01 -15.77 -20.28
CA LEU A 387 -31.45 -15.80 -18.90
C LEU A 387 -32.25 -14.54 -18.58
N CYS A 388 -32.98 -14.60 -17.47
CA CYS A 388 -33.80 -13.49 -17.00
C CYS A 388 -33.53 -13.27 -15.52
N PHE A 389 -33.61 -12.01 -15.09
CA PHE A 389 -33.43 -11.64 -13.70
C PHE A 389 -34.40 -10.54 -13.33
N THR A 390 -34.75 -10.47 -12.05
CA THR A 390 -35.67 -9.44 -11.59
C THR A 390 -35.04 -8.05 -11.68
N ASN A 391 -33.80 -7.90 -11.20
CA ASN A 391 -33.11 -6.63 -11.28
C ASN A 391 -31.63 -6.88 -11.49
N VAL A 392 -30.94 -5.89 -12.04
CA VAL A 392 -29.50 -5.94 -12.23
C VAL A 392 -28.90 -4.74 -11.52
N TYR A 393 -27.75 -4.94 -10.86
CA TYR A 393 -27.07 -3.85 -10.16
C TYR A 393 -25.66 -3.72 -10.72
N ALA A 394 -25.34 -2.54 -11.25
CA ALA A 394 -24.02 -2.25 -11.78
C ALA A 394 -23.28 -1.38 -10.78
N ASP A 395 -22.18 -1.91 -10.24
CA ASP A 395 -21.32 -1.18 -9.31
C ASP A 395 -20.06 -0.80 -10.08
N SER A 396 -19.87 0.51 -10.27
CA SER A 396 -18.78 1.03 -11.07
C SER A 396 -17.80 1.79 -10.20
N PHE A 397 -16.51 1.60 -10.48
CA PHE A 397 -15.44 2.28 -9.75
C PHE A 397 -14.15 2.17 -10.56
N VAL A 398 -13.06 2.69 -9.97
CA VAL A 398 -11.74 2.70 -10.59
C VAL A 398 -10.72 2.27 -9.55
N ILE A 399 -9.84 1.33 -9.92
CA ILE A 399 -8.81 0.83 -9.04
C ILE A 399 -7.50 0.77 -9.80
N LYS A 400 -6.47 0.22 -9.15
CA LYS A 400 -5.18 0.02 -9.80
C LYS A 400 -5.15 -1.35 -10.48
N GLY A 401 -4.09 -1.56 -11.27
CA GLY A 401 -3.97 -2.83 -11.98
C GLY A 401 -3.79 -4.00 -11.04
N ASN A 402 -3.00 -3.83 -9.98
CA ASN A 402 -2.77 -4.92 -9.03
C ASN A 402 -4.04 -5.30 -8.29
N GLU A 403 -4.90 -4.31 -8.01
CA GLU A 403 -6.10 -4.53 -7.21
C GLU A 403 -7.28 -5.05 -8.01
N VAL A 404 -7.12 -5.24 -9.33
CA VAL A 404 -8.20 -5.80 -10.13
C VAL A 404 -8.52 -7.23 -9.68
N SER A 405 -7.48 -8.01 -9.40
CA SER A 405 -7.70 -9.40 -8.97
C SER A 405 -8.39 -9.49 -7.62
N GLN A 406 -8.36 -8.42 -6.82
CA GLN A 406 -9.05 -8.43 -5.53
C GLN A 406 -10.56 -8.39 -5.68
N ILE A 407 -11.08 -8.02 -6.85
CA ILE A 407 -12.52 -7.97 -7.08
C ILE A 407 -12.94 -9.38 -7.48
N ALA A 408 -13.24 -10.20 -6.48
CA ALA A 408 -13.65 -11.59 -6.65
C ALA A 408 -14.20 -12.12 -5.34
N PRO A 409 -15.19 -13.01 -5.37
CA PRO A 409 -15.71 -13.57 -4.11
C PRO A 409 -14.63 -14.31 -3.34
N GLY A 410 -14.64 -14.13 -2.03
CA GLY A 410 -13.67 -14.81 -1.18
C GLY A 410 -12.27 -14.24 -1.22
N GLN A 411 -12.08 -13.06 -1.80
CA GLN A 411 -10.76 -12.46 -1.92
C GLN A 411 -10.52 -11.48 -0.77
N THR A 412 -9.24 -11.24 -0.48
CA THR A 412 -8.84 -10.35 0.60
C THR A 412 -7.71 -9.45 0.14
N GLY A 413 -7.60 -8.31 0.78
CA GLY A 413 -6.58 -7.33 0.46
C GLY A 413 -6.96 -5.98 1.04
N ASN A 414 -6.89 -4.95 0.19
CA ASN A 414 -7.34 -3.61 0.57
C ASN A 414 -8.71 -3.31 -0.01
N ILE A 415 -8.86 -3.44 -1.34
CA ILE A 415 -10.13 -3.17 -1.98
C ILE A 415 -11.19 -4.18 -1.54
N ALA A 416 -10.81 -5.46 -1.47
CA ALA A 416 -11.79 -6.50 -1.14
C ALA A 416 -12.14 -6.51 0.33
N ASP A 417 -11.37 -5.82 1.17
CA ASP A 417 -11.59 -5.85 2.61
C ASP A 417 -12.17 -4.55 3.17
N TYR A 418 -11.65 -3.40 2.76
CA TYR A 418 -12.06 -2.13 3.34
C TYR A 418 -12.77 -1.21 2.36
N ASN A 419 -12.82 -1.54 1.08
CA ASN A 419 -13.43 -0.67 0.08
C ASN A 419 -14.67 -1.27 -0.56
N TYR A 420 -14.56 -2.46 -1.14
CA TYR A 420 -15.68 -3.06 -1.85
C TYR A 420 -15.53 -4.57 -1.78
N LYS A 421 -16.46 -5.24 -1.11
CA LYS A 421 -16.41 -6.67 -0.91
C LYS A 421 -17.66 -7.33 -1.49
N LEU A 422 -17.46 -8.40 -2.26
CA LEU A 422 -18.48 -9.22 -2.88
C LEU A 422 -18.88 -10.37 -1.97
N PRO A 423 -20.11 -10.86 -2.05
CA PRO A 423 -20.51 -12.01 -1.24
C PRO A 423 -19.83 -13.29 -1.70
N ASP A 424 -19.74 -14.24 -0.77
CA ASP A 424 -19.09 -15.52 -1.09
C ASP A 424 -19.88 -16.31 -2.13
N ASP A 425 -21.21 -16.14 -2.15
CA ASP A 425 -22.07 -16.77 -3.14
C ASP A 425 -22.41 -15.83 -4.29
N PHE A 426 -21.48 -14.95 -4.66
CA PHE A 426 -21.74 -13.93 -5.66
C PHE A 426 -22.12 -14.56 -7.00
N THR A 427 -23.17 -14.02 -7.61
CA THR A 427 -23.59 -14.41 -8.96
C THR A 427 -23.65 -13.18 -9.83
N GLY A 428 -23.05 -13.25 -11.01
CA GLY A 428 -23.01 -12.12 -11.91
C GLY A 428 -21.73 -12.14 -12.71
N CYS A 429 -21.27 -10.95 -13.09
CA CYS A 429 -20.09 -10.79 -13.92
C CYS A 429 -19.27 -9.61 -13.43
N VAL A 430 -17.99 -9.60 -13.82
CA VAL A 430 -17.08 -8.50 -13.55
C VAL A 430 -16.41 -8.11 -14.85
N ILE A 431 -16.40 -6.82 -15.16
CA ILE A 431 -15.80 -6.31 -16.39
C ILE A 431 -14.80 -5.24 -16.01
N ALA A 432 -13.52 -5.49 -16.26
CA ALA A 432 -12.46 -4.56 -15.95
C ALA A 432 -11.65 -4.25 -17.20
N TRP A 433 -11.49 -2.98 -17.50
CA TRP A 433 -10.72 -2.58 -18.67
C TRP A 433 -9.82 -1.40 -18.35
N ASN A 434 -8.69 -1.33 -19.05
CA ASN A 434 -7.72 -0.28 -18.83
C ASN A 434 -8.28 1.08 -19.27
N SER A 435 -7.95 2.11 -18.51
CA SER A 435 -8.35 3.48 -18.79
C SER A 435 -7.17 4.43 -18.62
N ASN A 436 -6.02 4.04 -19.16
CA ASN A 436 -4.82 4.86 -19.03
C ASN A 436 -5.00 6.22 -19.71
N LYS A 437 -5.81 6.27 -20.77
CA LYS A 437 -6.00 7.51 -21.51
C LYS A 437 -6.88 8.51 -20.77
N LEU A 438 -7.93 8.06 -20.08
CA LEU A 438 -8.90 8.95 -19.47
C LEU A 438 -8.63 9.30 -18.02
N ASP A 439 -7.83 8.49 -17.32
CA ASP A 439 -7.58 8.68 -15.89
C ASP A 439 -6.10 8.85 -15.60
N SER A 440 -5.41 9.66 -16.42
CA SER A 440 -3.99 9.94 -16.21
C SER A 440 -3.72 11.30 -16.84
N LYS A 441 -3.57 12.33 -16.00
CA LYS A 441 -3.45 13.71 -16.45
C LYS A 441 -2.00 14.20 -16.44
N HIS A 442 -1.04 13.31 -16.27
CA HIS A 442 0.40 13.57 -16.28
C HIS A 442 0.85 14.40 -15.08
N SER A 443 -0.08 14.86 -14.22
CA SER A 443 0.30 15.58 -13.03
C SER A 443 -0.31 14.97 -11.77
N GLY A 444 -0.89 13.78 -11.86
CA GLY A 444 -1.50 13.13 -10.72
C GLY A 444 -3.01 13.34 -10.67
N ASN A 445 -3.76 12.30 -11.02
CA ASN A 445 -5.22 12.35 -10.97
C ASN A 445 -5.69 11.94 -9.57
N TYR A 446 -5.51 12.87 -8.63
CA TYR A 446 -5.76 12.61 -7.22
C TYR A 446 -7.23 12.67 -6.84
N ASP A 447 -8.15 12.65 -7.82
CA ASP A 447 -9.57 12.65 -7.51
C ASP A 447 -10.10 11.28 -7.14
N TYR A 448 -9.30 10.23 -7.30
CA TYR A 448 -9.72 8.86 -7.01
C TYR A 448 -9.04 8.40 -5.72
N TRP A 449 -9.83 8.26 -4.66
CA TRP A 449 -9.32 7.87 -3.36
C TRP A 449 -9.74 6.44 -3.04
N TYR A 450 -9.04 5.84 -2.08
CA TYR A 450 -9.41 4.53 -1.57
C TYR A 450 -9.21 4.49 -0.06
N ARG A 451 -9.99 3.66 0.61
CA ARG A 451 -9.95 3.58 2.06
C ARG A 451 -8.76 2.78 2.51
N LEU A 452 -7.90 3.41 3.32
CA LEU A 452 -6.68 2.77 3.80
C LEU A 452 -6.86 2.09 5.15
N PHE A 453 -7.68 2.65 6.04
CA PHE A 453 -7.86 2.12 7.38
C PHE A 453 -9.35 2.02 7.70
N ARG A 454 -9.69 1.04 8.53
CA ARG A 454 -11.05 0.87 8.99
C ARG A 454 -11.03 0.07 10.29
N LYS A 455 -12.04 0.28 11.12
CA LYS A 455 -12.11 -0.40 12.41
C LYS A 455 -12.32 -1.91 12.25
N SER A 456 -13.14 -2.31 11.28
CA SER A 456 -13.41 -3.72 11.02
C SER A 456 -13.48 -3.93 9.53
N LYS A 457 -13.57 -5.19 9.11
CA LYS A 457 -13.66 -5.54 7.70
C LYS A 457 -15.05 -5.26 7.17
N LEU A 458 -15.11 -4.81 5.92
CA LEU A 458 -16.37 -4.38 5.33
C LEU A 458 -17.30 -5.56 5.11
N LYS A 459 -18.59 -5.36 5.43
CA LYS A 459 -19.60 -6.35 5.13
C LYS A 459 -19.84 -6.39 3.62
N PRO A 460 -20.28 -7.52 3.08
CA PRO A 460 -20.51 -7.61 1.63
C PRO A 460 -21.54 -6.60 1.16
N PHE A 461 -21.27 -5.99 0.02
CA PHE A 461 -22.16 -5.00 -0.60
C PHE A 461 -22.52 -3.88 0.37
N GLU A 462 -21.49 -3.24 0.91
CA GLU A 462 -21.65 -2.12 1.83
C GLU A 462 -20.75 -0.98 1.39
N ARG A 463 -21.22 0.25 1.58
CA ARG A 463 -20.45 1.46 1.29
C ARG A 463 -20.16 2.19 2.59
N ASP A 464 -18.88 2.49 2.83
CA ASP A 464 -18.44 3.19 4.03
C ASP A 464 -17.85 4.52 3.58
N ILE A 465 -18.71 5.54 3.46
CA ILE A 465 -18.30 6.85 2.96
C ILE A 465 -17.91 7.73 4.15
N SER A 466 -17.90 7.14 5.34
CA SER A 466 -17.54 7.89 6.54
C SER A 466 -16.10 8.38 6.44
N THR A 467 -15.86 9.60 6.94
CA THR A 467 -14.54 10.21 6.87
C THR A 467 -13.99 10.56 8.25
N GLU A 468 -14.35 9.79 9.29
CA GLU A 468 -13.84 10.05 10.62
C GLU A 468 -12.38 9.66 10.72
N ILE A 469 -11.62 10.43 11.50
CA ILE A 469 -10.20 10.14 11.68
C ILE A 469 -10.04 8.78 12.33
N TYR A 470 -9.09 7.99 11.80
CA TYR A 470 -8.84 6.64 12.28
C TYR A 470 -7.85 6.67 13.43
N GLN A 471 -8.14 5.88 14.47
CA GLN A 471 -7.29 5.77 15.64
C GLN A 471 -6.52 4.46 15.59
N ALA A 472 -5.21 4.53 15.74
CA ALA A 472 -4.37 3.35 15.78
C ALA A 472 -3.88 2.99 17.17
N GLY A 473 -3.68 3.96 18.03
CA GLY A 473 -3.23 3.76 19.39
C GLY A 473 -4.36 3.76 20.39
N ASN A 474 -4.04 4.12 21.64
CA ASN A 474 -5.02 4.18 22.71
C ASN A 474 -5.44 5.59 23.06
N LYS A 475 -4.62 6.59 22.75
CA LYS A 475 -4.95 7.96 23.07
C LYS A 475 -6.11 8.45 22.21
N PRO A 476 -6.90 9.41 22.70
CA PRO A 476 -7.93 10.02 21.86
C PRO A 476 -7.30 10.78 20.70
N CYS A 477 -8.05 10.85 19.60
CA CYS A 477 -7.52 11.42 18.36
C CYS A 477 -8.17 12.76 18.02
N LYS A 478 -9.50 12.80 17.89
CA LYS A 478 -10.28 13.99 17.51
C LYS A 478 -9.60 14.81 16.41
N GLY A 479 -8.91 14.13 15.51
CA GLY A 479 -8.14 14.79 14.47
C GLY A 479 -6.89 14.01 14.15
N LYS A 480 -6.17 14.49 13.14
CA LYS A 480 -4.94 13.83 12.69
C LYS A 480 -3.83 14.01 13.70
N GLY A 481 -3.02 12.97 13.87
CA GLY A 481 -1.92 12.99 14.81
C GLY A 481 -0.85 11.97 14.49
N PRO A 482 0.10 11.78 15.42
CA PRO A 482 1.16 10.78 15.19
C PRO A 482 0.63 9.37 14.96
N ASN A 483 -0.43 8.98 15.67
CA ASN A 483 -1.07 7.69 15.49
C ASN A 483 -2.56 7.88 15.20
N CYS A 484 -2.90 8.96 14.50
CA CYS A 484 -4.26 9.26 14.10
C CYS A 484 -4.23 9.62 12.63
N TYR A 485 -4.75 8.75 11.78
CA TYR A 485 -4.54 8.81 10.35
C TYR A 485 -5.84 9.03 9.60
N PHE A 486 -5.73 9.73 8.47
CA PHE A 486 -6.85 9.89 7.56
C PHE A 486 -7.15 8.56 6.89
N PRO A 487 -8.38 8.06 6.96
CA PRO A 487 -8.67 6.73 6.42
C PRO A 487 -8.55 6.63 4.90
N LEU A 488 -8.59 7.74 4.18
CA LEU A 488 -8.59 7.73 2.73
C LEU A 488 -7.26 8.24 2.18
N GLN A 489 -6.76 7.56 1.15
CA GLN A 489 -5.56 8.02 0.46
C GLN A 489 -5.86 8.15 -1.03
N SER A 490 -5.22 9.12 -1.67
CA SER A 490 -5.50 9.47 -3.05
C SER A 490 -4.55 8.74 -3.98
N TYR A 491 -5.10 8.11 -5.02
CA TYR A 491 -4.28 7.48 -6.05
C TYR A 491 -3.46 8.53 -6.79
N GLY A 492 -2.25 8.14 -7.17
CA GLY A 492 -1.35 9.03 -7.88
C GLY A 492 -1.25 8.72 -9.36
N PHE A 493 -2.39 8.44 -9.99
CA PHE A 493 -2.41 7.96 -11.37
C PHE A 493 -1.65 8.89 -12.30
N ARG A 494 -0.75 8.31 -13.09
CA ARG A 494 0.01 9.00 -14.12
C ARG A 494 0.21 8.06 -15.29
N PRO A 495 0.35 8.58 -16.51
CA PRO A 495 0.50 7.71 -17.68
C PRO A 495 1.86 7.03 -17.77
N THR A 496 2.85 7.46 -16.98
CA THR A 496 4.18 6.88 -17.04
C THR A 496 4.28 5.55 -16.31
N TYR A 497 3.29 5.18 -15.51
CA TYR A 497 3.35 3.96 -14.73
C TYR A 497 3.22 2.73 -15.64
N GLY A 498 3.58 1.58 -15.08
CA GLY A 498 3.40 0.32 -15.79
C GLY A 498 1.95 -0.12 -15.81
N VAL A 499 1.73 -1.24 -16.48
CA VAL A 499 0.38 -1.78 -16.59
C VAL A 499 -0.18 -2.16 -15.22
N GLY A 500 0.70 -2.51 -14.28
CA GLY A 500 0.26 -2.88 -12.94
C GLY A 500 -0.22 -1.72 -12.11
N HIS A 501 0.17 -0.49 -12.44
CA HIS A 501 -0.20 0.69 -11.66
C HIS A 501 -1.09 1.65 -12.44
N GLN A 502 -1.33 1.40 -13.72
CA GLN A 502 -2.21 2.28 -14.48
C GLN A 502 -3.66 2.04 -14.08
N PRO A 503 -4.49 3.08 -14.04
CA PRO A 503 -5.87 2.91 -13.55
C PRO A 503 -6.67 1.97 -14.44
N TYR A 504 -7.50 1.16 -13.79
CA TYR A 504 -8.42 0.25 -14.46
C TYR A 504 -9.83 0.56 -14.00
N ARG A 505 -10.75 0.71 -14.94
CA ARG A 505 -12.16 0.90 -14.64
C ARG A 505 -12.83 -0.44 -14.51
N VAL A 506 -13.63 -0.60 -13.45
CA VAL A 506 -14.26 -1.88 -13.13
C VAL A 506 -15.75 -1.65 -12.97
N VAL A 507 -16.54 -2.53 -13.58
CA VAL A 507 -18.00 -2.55 -13.44
C VAL A 507 -18.39 -3.97 -13.06
N VAL A 508 -19.01 -4.12 -11.90
CA VAL A 508 -19.46 -5.41 -11.41
C VAL A 508 -20.97 -5.48 -11.56
N LEU A 509 -21.44 -6.42 -12.37
CA LEU A 509 -22.86 -6.63 -12.56
C LEU A 509 -23.31 -7.77 -11.65
N SER A 510 -24.28 -7.49 -10.80
CA SER A 510 -24.86 -8.49 -9.90
C SER A 510 -26.31 -8.71 -10.29
N PHE A 511 -26.69 -9.98 -10.41
CA PHE A 511 -28.01 -10.36 -10.86
C PHE A 511 -28.83 -10.86 -9.68
N GLU A 512 -30.06 -10.36 -9.54
CA GLU A 512 -30.90 -10.62 -8.39
C GLU A 512 -32.30 -10.99 -8.83
N LEU A 513 -32.88 -12.00 -8.18
CA LEU A 513 -34.26 -12.46 -8.44
C LEU A 513 -34.84 -12.87 -7.09
N LEU A 514 -35.49 -11.94 -6.40
CA LEU A 514 -36.03 -12.25 -5.07
C LEU A 514 -37.40 -12.91 -5.17
N HIS A 515 -38.42 -12.15 -5.58
CA HIS A 515 -39.76 -12.69 -5.75
C HIS A 515 -40.40 -12.26 -7.06
N ALA A 516 -40.15 -11.02 -7.47
CA ALA A 516 -40.92 -10.41 -8.54
C ALA A 516 -40.60 -11.07 -9.89
N PRO A 517 -41.55 -11.06 -10.82
CA PRO A 517 -41.26 -11.58 -12.16
C PRO A 517 -40.12 -10.80 -12.81
N ALA A 518 -39.30 -11.52 -13.57
CA ALA A 518 -38.12 -10.93 -14.16
C ALA A 518 -38.51 -9.93 -15.25
N THR A 519 -38.24 -8.65 -14.98
CA THR A 519 -38.46 -7.60 -15.98
C THR A 519 -37.26 -7.41 -16.89
N VAL A 520 -36.17 -8.14 -16.65
CA VAL A 520 -34.96 -8.05 -17.45
C VAL A 520 -34.73 -9.41 -18.09
N CYS A 521 -34.59 -9.43 -19.42
CA CYS A 521 -34.35 -10.66 -20.15
C CYS A 521 -33.47 -10.34 -21.36
N GLY A 522 -33.36 -11.31 -22.25
CA GLY A 522 -32.63 -11.14 -23.48
C GLY A 522 -33.54 -10.72 -24.63
N PRO A 523 -32.98 -10.63 -25.84
CA PRO A 523 -33.74 -10.28 -27.04
C PRO A 523 -34.87 -11.26 -27.35
N VAL B 2 3.09 3.51 21.81
CA VAL B 2 3.71 2.69 20.77
C VAL B 2 5.10 2.26 21.22
N GLN B 3 5.42 0.99 21.00
CA GLN B 3 6.71 0.43 21.40
C GLN B 3 6.96 -0.86 20.66
N LEU B 4 8.18 -1.02 20.15
CA LEU B 4 8.62 -2.24 19.49
C LEU B 4 9.88 -2.73 20.18
N VAL B 5 9.91 -4.00 20.55
CA VAL B 5 11.04 -4.59 21.25
C VAL B 5 11.50 -5.85 20.51
N GLU B 6 12.78 -5.90 20.18
CA GLU B 6 13.37 -7.06 19.51
C GLU B 6 14.07 -7.94 20.54
N SER B 7 14.06 -9.25 20.27
CA SER B 7 14.71 -10.21 21.15
C SER B 7 15.04 -11.46 20.35
N GLY B 8 15.89 -12.30 20.94
CA GLY B 8 16.25 -13.57 20.36
C GLY B 8 17.58 -13.62 19.65
N GLY B 9 18.35 -12.52 19.66
CA GLY B 9 19.65 -12.51 19.03
C GLY B 9 20.76 -13.00 19.96
N GLY B 10 21.95 -13.10 19.40
CA GLY B 10 23.09 -13.55 20.16
C GLY B 10 24.19 -14.05 19.23
N LEU B 11 25.02 -14.93 19.77
CA LEU B 11 26.15 -15.51 19.04
C LEU B 11 25.77 -16.87 18.48
N VAL B 12 26.12 -17.10 17.22
CA VAL B 12 25.81 -18.35 16.54
C VAL B 12 26.94 -18.71 15.59
N GLN B 13 27.20 -20.01 15.46
CA GLN B 13 28.14 -20.48 14.46
C GLN B 13 27.51 -20.41 13.07
N PRO B 14 28.33 -20.30 12.02
CA PRO B 14 27.77 -20.28 10.66
C PRO B 14 26.99 -21.54 10.34
N GLY B 15 25.93 -21.38 9.56
CA GLY B 15 25.09 -22.51 9.18
C GLY B 15 24.01 -22.86 10.16
N GLY B 16 23.85 -22.10 11.24
CA GLY B 16 22.85 -22.38 12.24
C GLY B 16 21.49 -21.83 11.87
N SER B 17 20.56 -21.95 12.82
CA SER B 17 19.20 -21.45 12.66
C SER B 17 18.77 -20.76 13.94
N LEU B 18 18.29 -19.51 13.81
CA LEU B 18 17.89 -18.71 14.95
C LEU B 18 16.46 -18.24 14.76
N ARG B 19 15.94 -17.50 15.75
CA ARG B 19 14.62 -16.92 15.66
C ARG B 19 14.63 -15.56 16.34
N LEU B 20 14.23 -14.53 15.61
CA LEU B 20 14.14 -13.17 16.13
C LEU B 20 12.68 -12.80 16.32
N SER B 21 12.35 -12.30 17.50
CA SER B 21 10.98 -11.97 17.86
C SER B 21 10.84 -10.47 18.05
N CYS B 22 9.77 -9.91 17.48
CA CYS B 22 9.47 -8.49 17.55
C CYS B 22 8.12 -8.32 18.23
N ALA B 23 8.14 -7.81 19.46
CA ALA B 23 6.93 -7.58 20.24
C ALA B 23 6.46 -6.15 20.05
N ALA B 24 5.19 -5.98 19.71
CA ALA B 24 4.60 -4.69 19.43
C ALA B 24 3.56 -4.34 20.50
N SER B 25 3.50 -3.07 20.86
CA SER B 25 2.53 -2.59 21.82
C SER B 25 2.16 -1.15 21.49
N GLY B 26 0.98 -0.74 21.98
CA GLY B 26 0.53 0.63 21.83
C GLY B 26 -0.20 0.95 20.55
N PHE B 27 -0.33 -0.01 19.64
CA PHE B 27 -1.04 0.23 18.39
C PHE B 27 -1.68 -1.07 17.92
N ILE B 28 -2.66 -0.93 17.02
CA ILE B 28 -3.36 -2.09 16.48
C ILE B 28 -2.42 -2.84 15.53
N PHE B 29 -2.29 -4.14 15.74
CA PHE B 29 -1.31 -4.95 15.01
C PHE B 29 -1.85 -5.48 13.69
N ARG B 30 -3.15 -5.37 13.44
CA ARG B 30 -3.76 -5.97 12.27
C ARG B 30 -3.85 -5.04 11.07
N SER B 31 -3.24 -3.85 11.14
CA SER B 31 -3.39 -2.87 10.07
C SER B 31 -2.07 -2.37 9.50
N PHE B 32 -0.94 -2.62 10.14
CA PHE B 32 0.35 -2.09 9.69
C PHE B 32 1.24 -3.22 9.20
N SER B 33 1.74 -3.09 7.98
CA SER B 33 2.71 -4.03 7.46
C SER B 33 4.05 -3.86 8.18
N MET B 34 4.77 -4.97 8.34
CA MET B 34 5.98 -4.99 9.15
C MET B 34 7.19 -5.38 8.31
N SER B 35 8.30 -4.68 8.54
CA SER B 35 9.53 -4.93 7.81
C SER B 35 10.67 -5.13 8.79
N TRP B 36 11.63 -5.95 8.37
CA TRP B 36 12.86 -6.21 9.12
C TRP B 36 14.03 -5.65 8.33
N VAL B 37 14.85 -4.83 8.97
CA VAL B 37 15.98 -4.16 8.35
C VAL B 37 17.20 -4.33 9.24
N ARG B 38 18.31 -4.76 8.67
CA ARG B 38 19.53 -4.97 9.43
C ARG B 38 20.57 -3.90 9.09
N GLN B 39 21.52 -3.73 10.01
CA GLN B 39 22.63 -2.81 9.82
C GLN B 39 23.89 -3.48 10.37
N ALA B 40 24.88 -3.66 9.50
CA ALA B 40 26.15 -4.19 9.95
C ALA B 40 26.96 -3.08 10.65
N PRO B 41 27.78 -3.44 11.64
CA PRO B 41 28.60 -2.42 12.31
C PRO B 41 29.52 -1.73 11.32
N GLY B 42 29.59 -0.41 11.41
CA GLY B 42 30.41 0.39 10.52
C GLY B 42 29.80 0.66 9.16
N LYS B 43 28.59 0.19 8.91
CA LYS B 43 27.93 0.37 7.62
C LYS B 43 26.54 0.97 7.84
N GLY B 44 25.84 1.21 6.73
CA GLY B 44 24.50 1.77 6.77
C GLY B 44 23.43 0.71 6.88
N LEU B 45 22.18 1.17 6.81
CA LEU B 45 21.04 0.27 6.88
C LEU B 45 20.90 -0.53 5.58
N GLU B 46 20.23 -1.67 5.69
CA GLU B 46 19.97 -2.54 4.55
C GLU B 46 18.72 -3.36 4.80
N TRP B 47 17.80 -3.31 3.84
CA TRP B 47 16.53 -4.01 3.99
C TRP B 47 16.73 -5.52 3.98
N VAL B 48 15.88 -6.22 4.74
CA VAL B 48 15.98 -7.67 4.86
C VAL B 48 14.68 -8.32 4.39
N ALA B 49 13.56 -7.97 5.02
CA ALA B 49 12.31 -8.66 4.71
C ALA B 49 11.13 -7.73 4.93
N ASN B 50 9.99 -8.08 4.33
CA ASN B 50 8.77 -7.30 4.49
C ASN B 50 7.55 -8.20 4.37
N ILE B 51 6.52 -7.91 5.15
CA ILE B 51 5.26 -8.65 5.13
C ILE B 51 4.11 -7.67 5.30
N ASN B 52 2.99 -7.96 4.63
CA ASN B 52 1.79 -7.13 4.73
C ASN B 52 1.07 -7.43 6.05
N GLU B 53 -0.11 -6.84 6.22
CA GLU B 53 -0.86 -7.02 7.46
C GLU B 53 -1.28 -8.47 7.65
N ASP B 54 -1.80 -9.10 6.60
CA ASP B 54 -2.30 -10.47 6.69
C ASP B 54 -1.20 -11.51 6.57
N GLY B 55 0.00 -11.14 6.15
CA GLY B 55 1.07 -12.08 6.00
C GLY B 55 1.03 -12.92 4.73
N GLY B 56 0.04 -12.71 3.87
CA GLY B 56 -0.05 -13.45 2.63
C GLY B 56 0.89 -13.00 1.54
N GLU B 57 1.56 -11.86 1.72
CA GLU B 57 2.51 -11.33 0.76
C GLU B 57 3.83 -11.12 1.49
N LYS B 58 4.73 -12.10 1.40
CA LYS B 58 6.03 -12.05 2.03
C LYS B 58 7.10 -11.80 0.98
N TYR B 59 7.95 -10.81 1.21
CA TYR B 59 8.97 -10.43 0.25
C TYR B 59 10.33 -10.33 0.93
N TYR B 60 11.37 -10.78 0.23
CA TYR B 60 12.72 -10.82 0.75
C TYR B 60 13.68 -10.22 -0.27
N VAL B 61 14.76 -9.65 0.23
CA VAL B 61 15.83 -9.18 -0.65
C VAL B 61 16.55 -10.39 -1.25
N ASP B 62 17.13 -10.18 -2.44
CA ASP B 62 17.76 -11.28 -3.16
C ASP B 62 18.95 -11.85 -2.38
N SER B 63 19.66 -11.01 -1.64
CA SER B 63 20.86 -11.45 -0.94
C SER B 63 20.57 -12.51 0.12
N VAL B 64 19.31 -12.65 0.53
CA VAL B 64 18.92 -13.68 1.49
C VAL B 64 18.17 -14.81 0.83
N LYS B 65 17.80 -14.67 -0.44
CA LYS B 65 17.11 -15.71 -1.23
C LYS B 65 15.86 -16.12 -0.44
N GLY B 66 15.68 -17.41 -0.13
CA GLY B 66 14.60 -17.84 0.72
C GLY B 66 15.09 -18.49 1.99
N ARG B 67 16.27 -18.06 2.46
CA ARG B 67 16.85 -18.63 3.65
C ARG B 67 16.14 -18.18 4.93
N PHE B 68 15.65 -16.95 4.96
CA PHE B 68 14.95 -16.42 6.13
C PHE B 68 13.45 -16.53 5.88
N THR B 69 12.70 -16.73 6.96
CA THR B 69 11.25 -16.82 6.88
C THR B 69 10.63 -15.89 7.90
N ILE B 70 9.89 -14.88 7.43
CA ILE B 70 9.27 -13.89 8.29
C ILE B 70 7.76 -14.11 8.30
N SER B 71 7.18 -14.07 9.49
CA SER B 71 5.74 -14.30 9.64
C SER B 71 5.22 -13.46 10.78
N ARG B 72 3.89 -13.33 10.82
CA ARG B 72 3.21 -12.62 11.90
C ARG B 72 1.90 -13.31 12.20
N ASP B 73 1.45 -13.21 13.45
CA ASP B 73 0.22 -13.83 13.88
C ASP B 73 -0.61 -12.81 14.65
N TYR B 74 -1.93 -12.84 14.41
CA TYR B 74 -2.83 -11.92 15.11
C TYR B 74 -3.10 -12.36 16.54
N ALA B 75 -2.75 -13.60 16.89
CA ALA B 75 -3.03 -14.10 18.23
C ALA B 75 -2.15 -13.41 19.26
N LYS B 76 -0.83 -13.53 19.12
CA LYS B 76 0.10 -12.98 20.08
C LYS B 76 0.52 -11.55 19.76
N ASP B 77 0.12 -11.02 18.60
CA ASP B 77 0.43 -9.65 18.18
C ASP B 77 1.94 -9.40 18.20
N SER B 78 2.65 -10.16 17.36
CA SER B 78 4.09 -10.04 17.27
C SER B 78 4.55 -10.57 15.92
N VAL B 79 5.79 -10.23 15.57
CA VAL B 79 6.41 -10.67 14.33
C VAL B 79 7.54 -11.62 14.68
N PHE B 80 7.84 -12.56 13.78
CA PHE B 80 8.91 -13.51 13.99
C PHE B 80 9.68 -13.75 12.70
N LEU B 81 10.97 -14.03 12.84
CA LEU B 81 11.85 -14.24 11.69
C LEU B 81 12.77 -15.41 12.00
N GLN B 82 12.62 -16.51 11.27
CA GLN B 82 13.50 -17.66 11.40
C GLN B 82 14.67 -17.51 10.45
N MET B 83 15.86 -17.80 10.96
CA MET B 83 17.13 -17.59 10.27
C MET B 83 17.79 -18.92 9.99
N ASN B 84 18.15 -19.15 8.73
CA ASN B 84 18.79 -20.39 8.31
C ASN B 84 20.01 -20.08 7.46
N SER B 85 21.02 -20.95 7.57
CA SER B 85 22.26 -20.84 6.79
C SER B 85 22.93 -19.49 7.00
N LEU B 86 23.32 -19.24 8.25
CA LEU B 86 23.97 -17.99 8.60
C LEU B 86 25.40 -17.94 8.06
N ARG B 87 25.83 -16.76 7.64
CA ARG B 87 27.13 -16.55 7.03
C ARG B 87 27.89 -15.45 7.77
N ALA B 88 29.17 -15.30 7.42
CA ALA B 88 30.02 -14.33 8.10
C ALA B 88 29.52 -12.91 7.89
N GLU B 89 29.06 -12.60 6.68
CA GLU B 89 28.57 -11.25 6.38
C GLU B 89 27.16 -11.00 6.88
N ASP B 90 26.61 -11.83 7.76
CA ASP B 90 25.25 -11.66 8.24
C ASP B 90 25.17 -11.05 9.63
N THR B 91 26.29 -10.98 10.35
CA THR B 91 26.27 -10.40 11.69
C THR B 91 25.89 -8.93 11.63
N ALA B 92 24.81 -8.57 12.31
CA ALA B 92 24.29 -7.21 12.22
C ALA B 92 23.31 -6.97 13.36
N VAL B 93 22.97 -5.71 13.56
CA VAL B 93 21.90 -5.32 14.46
C VAL B 93 20.62 -5.18 13.65
N TYR B 94 19.57 -5.89 14.08
CA TYR B 94 18.32 -5.97 13.34
C TYR B 94 17.25 -5.14 14.03
N TYR B 95 16.48 -4.40 13.23
CA TYR B 95 15.35 -3.64 13.70
C TYR B 95 14.09 -4.13 12.98
N CYS B 96 12.97 -4.12 13.70
CA CYS B 96 11.66 -4.34 13.11
C CYS B 96 10.91 -3.02 13.13
N ALA B 97 10.32 -2.65 11.99
CA ALA B 97 9.66 -1.38 11.84
C ALA B 97 8.28 -1.58 11.23
N ARG B 98 7.40 -0.63 11.49
CA ARG B 98 6.05 -0.63 10.96
C ARG B 98 5.97 0.37 9.81
N VAL B 99 5.39 -0.07 8.70
CA VAL B 99 5.21 0.79 7.53
C VAL B 99 3.95 1.61 7.72
N GLY B 100 4.08 2.79 8.32
CA GLY B 100 2.95 3.63 8.62
C GLY B 100 2.90 4.86 7.74
N PRO B 101 1.69 5.25 7.35
CA PRO B 101 1.54 6.41 6.46
C PRO B 101 1.54 7.73 7.21
N TYR B 102 2.02 7.71 8.46
CA TYR B 102 2.12 8.94 9.24
C TYR B 102 2.96 9.99 8.53
N TYR B 103 3.90 9.57 7.69
CA TYR B 103 4.75 10.51 6.98
C TYR B 103 3.94 11.30 5.96
N TYR B 104 4.09 12.62 5.99
CA TYR B 104 3.47 13.52 5.03
C TYR B 104 4.57 14.37 4.41
N ASP B 105 4.86 14.12 3.14
CA ASP B 105 5.99 14.75 2.46
C ASP B 105 5.51 15.93 1.63
N SER B 106 6.19 17.06 1.77
CA SER B 106 5.93 18.26 0.98
C SER B 106 4.52 18.79 1.20
N ALA B 107 4.13 19.77 0.37
CA ALA B 107 2.81 20.41 0.43
C ALA B 107 1.71 19.56 -0.18
N GLY B 108 1.95 18.27 -0.43
CA GLY B 108 0.93 17.41 -0.99
C GLY B 108 -0.10 16.96 0.03
N TYR B 109 0.03 17.48 1.25
CA TYR B 109 -0.94 17.18 2.30
C TYR B 109 -2.36 17.53 1.86
N TYR B 110 -2.53 18.64 1.14
CA TYR B 110 -3.85 18.98 0.62
C TYR B 110 -4.31 17.96 -0.42
N ARG B 111 -3.38 17.47 -1.25
CA ARG B 111 -3.74 16.46 -2.23
C ARG B 111 -3.95 15.09 -1.60
N ARG B 112 -3.63 14.94 -0.32
CA ARG B 112 -3.86 13.70 0.44
C ARG B 112 -3.09 12.53 -0.18
N HIS B 113 -1.77 12.69 -0.21
CA HIS B 113 -0.86 11.65 -0.68
C HIS B 113 0.03 11.19 0.46
N TYR B 114 0.02 9.89 0.74
CA TYR B 114 0.74 9.32 1.88
C TYR B 114 2.03 8.68 1.39
N HIS B 115 3.13 8.99 2.08
CA HIS B 115 4.42 8.34 1.85
C HIS B 115 4.64 7.31 2.95
N PHE B 116 4.40 6.04 2.63
CA PHE B 116 4.51 4.97 3.61
C PHE B 116 5.97 4.81 4.03
N GLY B 117 6.27 5.16 5.28
CA GLY B 117 7.60 5.03 5.82
C GLY B 117 7.62 4.18 7.08
N MET B 118 8.85 3.97 7.59
CA MET B 118 9.06 3.18 8.80
C MET B 118 9.16 4.15 9.97
N ASP B 119 8.00 4.48 10.54
CA ASP B 119 7.93 5.55 11.53
C ASP B 119 8.47 5.13 12.88
N VAL B 120 8.24 3.88 13.29
CA VAL B 120 8.63 3.40 14.61
C VAL B 120 9.66 2.30 14.44
N TRP B 121 10.84 2.49 15.02
CA TRP B 121 11.93 1.53 14.96
C TRP B 121 12.22 1.03 16.37
N GLY B 122 12.27 -0.29 16.53
CA GLY B 122 12.65 -0.87 17.80
C GLY B 122 14.13 -0.74 18.05
N GLN B 123 14.54 -1.11 19.26
CA GLN B 123 15.94 -1.00 19.65
C GLN B 123 16.83 -2.02 18.95
N GLY B 124 16.25 -3.04 18.30
CA GLY B 124 17.03 -3.99 17.54
C GLY B 124 17.80 -4.98 18.41
N THR B 125 18.17 -6.11 17.83
CA THR B 125 18.96 -7.12 18.51
C THR B 125 20.14 -7.52 17.65
N THR B 126 21.23 -7.89 18.30
CA THR B 126 22.48 -8.17 17.60
C THR B 126 22.61 -9.66 17.32
N VAL B 127 22.89 -10.01 16.07
CA VAL B 127 23.17 -11.39 15.67
C VAL B 127 24.60 -11.44 15.16
N THR B 128 25.46 -12.17 15.87
CA THR B 128 26.87 -12.30 15.54
C THR B 128 27.13 -13.73 15.09
N VAL B 129 27.46 -13.89 13.81
CA VAL B 129 27.70 -15.20 13.22
C VAL B 129 29.20 -15.42 13.21
N SER B 130 29.69 -16.21 14.16
CA SER B 130 31.11 -16.51 14.27
C SER B 130 31.29 -17.81 15.03
N SER B 131 32.48 -18.37 14.93
CA SER B 131 32.81 -19.63 15.61
C SER B 131 32.91 -19.41 17.12
N SER C 2 18.18 -1.35 -7.74
CA SER C 2 18.10 0.09 -7.94
C SER C 2 18.56 0.85 -6.70
N ALA C 3 19.82 0.64 -6.32
CA ALA C 3 20.37 1.32 -5.15
C ALA C 3 20.43 2.82 -5.40
N LEU C 4 20.08 3.60 -4.38
CA LEU C 4 20.09 5.05 -4.50
C LEU C 4 21.50 5.60 -4.32
N THR C 5 21.69 6.85 -4.72
CA THR C 5 22.98 7.52 -4.65
C THR C 5 22.89 8.72 -3.72
N GLN C 6 23.85 8.80 -2.78
CA GLN C 6 23.91 9.90 -1.83
C GLN C 6 25.35 10.39 -1.72
N PRO C 7 25.55 11.66 -1.38
CA PRO C 7 26.91 12.14 -1.11
C PRO C 7 27.50 11.47 0.13
N ALA C 8 28.82 11.29 0.11
CA ALA C 8 29.48 10.61 1.22
C ALA C 8 29.34 11.40 2.51
N SER C 9 29.56 12.71 2.46
CA SER C 9 29.42 13.55 3.64
C SER C 9 29.27 15.00 3.20
N VAL C 10 28.48 15.75 3.96
CA VAL C 10 28.25 17.16 3.71
C VAL C 10 28.49 17.93 5.00
N SER C 11 29.15 19.08 4.88
CA SER C 11 29.47 19.93 6.02
C SER C 11 28.98 21.35 5.78
N GLY C 12 28.69 22.04 6.87
CA GLY C 12 28.22 23.42 6.77
C GLY C 12 28.27 24.10 8.13
N SER C 13 28.25 25.44 8.08
CA SER C 13 28.28 26.31 9.25
C SER C 13 26.99 26.21 10.04
N PRO C 14 27.05 26.43 11.36
CA PRO C 14 25.82 26.39 12.16
C PRO C 14 24.81 27.43 11.69
N GLY C 15 23.54 27.04 11.70
CA GLY C 15 22.48 27.92 11.26
C GLY C 15 22.32 28.05 9.77
N GLN C 16 23.13 27.35 8.98
CA GLN C 16 23.08 27.44 7.53
C GLN C 16 22.21 26.32 6.96
N SER C 17 21.45 26.66 5.92
CA SER C 17 20.60 25.70 5.24
C SER C 17 21.45 24.82 4.34
N ILE C 18 21.33 23.50 4.51
CA ILE C 18 22.13 22.54 3.77
C ILE C 18 21.19 21.57 3.05
N THR C 19 21.49 21.32 1.78
CA THR C 19 20.68 20.43 0.96
C THR C 19 21.38 19.10 0.75
N ILE C 20 20.64 18.01 0.93
CA ILE C 20 21.13 16.65 0.71
C ILE C 20 20.29 16.03 -0.39
N SER C 21 20.95 15.50 -1.41
CA SER C 21 20.29 14.96 -2.59
C SER C 21 20.30 13.44 -2.56
N CYS C 22 19.29 12.85 -3.20
CA CYS C 22 19.13 11.40 -3.26
C CYS C 22 18.66 11.07 -4.67
N THR C 23 19.54 10.53 -5.49
CA THR C 23 19.26 10.25 -6.90
C THR C 23 19.16 8.75 -7.12
N GLY C 24 18.11 8.33 -7.83
CA GLY C 24 17.91 6.93 -8.12
C GLY C 24 18.39 6.54 -9.51
N TYR C 32 8.47 5.61 -9.07
CA TYR C 32 9.23 6.44 -8.14
C TYR C 32 8.39 7.63 -7.67
N ASN C 33 7.56 7.40 -6.66
CA ASN C 33 6.73 8.47 -6.11
C ASN C 33 6.78 8.48 -4.59
N TYR C 34 7.14 7.36 -3.98
CA TYR C 34 7.18 7.21 -2.53
C TYR C 34 8.63 7.18 -2.07
N VAL C 35 9.06 8.25 -1.41
CA VAL C 35 10.42 8.36 -0.88
C VAL C 35 10.32 8.87 0.56
N SER C 36 11.10 8.28 1.44
CA SER C 36 11.10 8.65 2.86
C SER C 36 12.53 8.94 3.31
N TRP C 37 12.64 9.74 4.37
CA TRP C 37 13.92 10.14 4.92
C TRP C 37 13.98 9.78 6.40
N TYR C 38 15.13 9.25 6.82
CA TYR C 38 15.35 8.88 8.21
C TYR C 38 16.64 9.50 8.72
N GLN C 39 16.64 9.83 10.01
CA GLN C 39 17.82 10.35 10.70
C GLN C 39 18.26 9.32 11.73
N GLN C 40 19.57 9.20 11.92
CA GLN C 40 20.12 8.20 12.84
C GLN C 40 21.37 8.75 13.50
N HIS C 41 21.37 8.80 14.83
CA HIS C 41 22.53 9.08 15.65
C HIS C 41 23.20 7.79 16.08
N PRO C 42 24.51 7.82 16.36
CA PRO C 42 25.18 6.60 16.83
C PRO C 42 24.57 6.09 18.13
N GLY C 43 24.42 4.78 18.22
CA GLY C 43 23.87 4.15 19.40
C GLY C 43 22.36 4.19 19.51
N LYS C 44 21.65 4.68 18.49
CA LYS C 44 20.20 4.76 18.53
C LYS C 44 19.63 4.27 17.21
N ALA C 45 18.39 3.79 17.26
CA ALA C 45 17.70 3.34 16.06
C ALA C 45 17.33 4.55 15.20
N PRO C 46 17.25 4.36 13.89
CA PRO C 46 16.87 5.47 13.01
C PRO C 46 15.46 5.96 13.27
N LYS C 47 15.26 7.26 13.05
CA LYS C 47 13.99 7.92 13.31
C LYS C 47 13.46 8.54 12.02
N LEU C 48 12.17 8.36 11.76
CA LEU C 48 11.56 8.93 10.57
C LEU C 48 11.55 10.44 10.63
N MET C 49 11.75 11.08 9.49
CA MET C 49 11.73 12.54 9.39
C MET C 49 10.38 13.02 8.86
N ARG C 54 11.77 22.83 10.10
CA ARG C 54 13.15 23.16 9.75
C ARG C 54 13.65 22.25 8.63
N PHE C 55 13.00 21.10 8.46
CA PHE C 55 13.32 20.15 7.40
C PHE C 55 12.30 20.28 6.29
N SER C 56 12.77 20.54 5.07
CA SER C 56 11.88 20.68 3.92
C SER C 56 12.25 19.66 2.86
N GLY C 57 11.25 18.91 2.39
CA GLY C 57 11.45 17.86 1.41
C GLY C 57 10.95 18.29 0.04
N SER C 58 11.59 17.78 -1.00
CA SER C 58 11.16 18.05 -2.37
C SER C 58 11.53 16.88 -3.25
N LYS C 59 10.82 16.74 -4.36
CA LYS C 59 11.07 15.68 -5.33
C LYS C 59 11.06 16.26 -6.74
N SER C 60 11.86 15.64 -7.61
CA SER C 60 11.94 16.08 -9.01
C SER C 60 12.39 14.89 -9.84
N GLY C 61 11.44 14.28 -10.55
CA GLY C 61 11.73 13.13 -11.39
C GLY C 61 12.28 11.95 -10.62
N ASN C 62 13.56 11.63 -10.84
CA ASN C 62 14.23 10.56 -10.13
C ASN C 62 15.10 11.06 -8.99
N THR C 63 14.96 12.33 -8.60
CA THR C 63 15.78 12.93 -7.58
C THR C 63 14.91 13.48 -6.46
N ALA C 64 15.36 13.28 -5.22
CA ALA C 64 14.74 13.86 -4.04
C ALA C 64 15.76 14.72 -3.30
N SER C 65 15.26 15.66 -2.51
CA SER C 65 16.14 16.59 -1.81
C SER C 65 15.55 16.92 -0.46
N LEU C 66 16.43 17.02 0.54
CA LEU C 66 16.05 17.41 1.90
C LEU C 66 16.91 18.59 2.31
N THR C 67 16.28 19.69 2.69
CA THR C 67 16.96 20.91 3.08
C THR C 67 16.77 21.14 4.57
N ILE C 68 17.86 21.44 5.26
CA ILE C 68 17.88 21.69 6.70
C ILE C 68 18.13 23.18 6.91
N SER C 69 17.24 23.83 7.66
CA SER C 69 17.37 25.23 8.00
C SER C 69 17.56 25.37 9.51
N GLY C 70 18.51 26.20 9.90
CA GLY C 70 18.81 26.37 11.31
C GLY C 70 19.59 25.20 11.88
N LEU C 71 20.76 24.92 11.31
CA LEU C 71 21.58 23.81 11.77
C LEU C 71 22.11 24.08 13.17
N GLN C 72 22.07 23.05 14.02
CA GLN C 72 22.53 23.15 15.39
C GLN C 72 23.48 22.00 15.70
N ALA C 73 24.02 22.02 16.92
CA ALA C 73 24.99 21.00 17.32
C ALA C 73 24.35 19.62 17.40
N GLU C 74 23.11 19.55 17.89
CA GLU C 74 22.43 18.26 18.07
C GLU C 74 22.06 17.59 16.76
N ASP C 75 22.20 18.28 15.63
CA ASP C 75 21.79 17.73 14.34
C ASP C 75 22.85 16.85 13.69
N GLU C 76 24.01 16.67 14.34
CA GLU C 76 25.05 15.79 13.83
C GLU C 76 24.55 14.35 13.82
N ALA C 77 24.39 13.78 12.63
CA ALA C 77 23.83 12.43 12.50
C ALA C 77 24.10 11.94 11.08
N ASP C 78 23.47 10.82 10.73
CA ASP C 78 23.51 10.25 9.40
C ASP C 78 22.09 10.14 8.86
N TYR C 79 21.88 10.59 7.63
CA TYR C 79 20.57 10.65 7.02
C TYR C 79 20.49 9.66 5.87
N TYR C 80 19.38 8.94 5.79
CA TYR C 80 19.19 7.89 4.80
C TYR C 80 17.90 8.16 4.03
N CYS C 81 17.93 7.94 2.72
CA CYS C 81 16.74 8.02 1.89
C CYS C 81 16.34 6.63 1.42
N SER C 82 15.05 6.34 1.49
CA SER C 82 14.51 5.05 1.09
C SER C 82 13.36 5.26 0.12
N SER C 83 13.08 4.21 -0.66
CA SER C 83 12.00 4.23 -1.66
C SER C 83 11.14 3.00 -1.42
N TYR C 84 10.14 3.14 -0.56
CA TYR C 84 9.20 2.05 -0.27
C TYR C 84 8.09 2.11 -1.31
N THR C 85 8.24 1.34 -2.37
CA THR C 85 7.22 1.22 -3.41
C THR C 85 6.90 -0.25 -3.62
N GLY C 86 5.64 -0.52 -3.99
CA GLY C 86 5.19 -1.89 -4.12
C GLY C 86 5.33 -2.66 -2.83
N SER C 87 6.30 -3.58 -2.78
CA SER C 87 6.58 -4.32 -1.57
C SER C 87 8.08 -4.47 -1.30
N VAL C 88 8.94 -3.79 -2.06
CA VAL C 88 10.38 -3.87 -1.90
C VAL C 88 10.90 -2.47 -1.57
N THR C 89 11.68 -2.38 -0.51
CA THR C 89 12.27 -1.12 -0.07
C THR C 89 13.78 -1.16 -0.24
N VAL C 90 14.33 -0.05 -0.75
CA VAL C 90 15.76 0.07 -1.02
C VAL C 90 16.28 1.28 -0.28
N PHE C 91 17.39 1.10 0.46
CA PHE C 91 18.01 2.16 1.22
C PHE C 91 19.19 2.73 0.44
N GLY C 92 19.51 3.99 0.70
CA GLY C 92 20.65 4.63 0.08
C GLY C 92 21.94 4.34 0.81
N GLY C 93 23.01 4.98 0.33
CA GLY C 93 24.32 4.78 0.92
C GLY C 93 24.53 5.47 2.26
N GLY C 94 23.70 6.44 2.61
CA GLY C 94 23.84 7.13 3.86
C GLY C 94 24.72 8.36 3.78
N THR C 95 24.20 9.52 4.16
CA THR C 95 24.93 10.78 4.14
C THR C 95 25.20 11.20 5.57
N LYS C 96 26.48 11.21 5.96
CA LYS C 96 26.86 11.61 7.31
C LYS C 96 27.05 13.12 7.34
N LEU C 97 26.13 13.82 7.99
CA LEU C 97 26.16 15.28 8.02
C LEU C 97 27.17 15.75 9.08
N THR C 98 27.91 16.79 8.75
CA THR C 98 28.91 17.37 9.64
C THR C 98 28.50 18.78 10.01
N VAL C 99 28.50 19.07 11.31
CA VAL C 99 28.12 20.39 11.84
C VAL C 99 29.39 21.07 12.33
N LEU C 100 29.66 22.27 11.79
CA LEU C 100 30.84 23.03 12.17
C LEU C 100 30.62 23.74 13.51
#